data_8GF3
#
_entry.id   8GF3
#
_cell.length_a   59.722
_cell.length_b   164.744
_cell.length_c   84.711
_cell.angle_alpha   90.00
_cell.angle_beta   90.00
_cell.angle_gamma   90.00
#
_symmetry.space_group_name_H-M   'C 2 2 21'
#
loop_
_entity.id
_entity.type
_entity.pdbx_description
1 polymer 'GH5 Mannanase'
2 non-polymer 2-AMINO-2-HYDROXYMETHYL-PROPANE-1,3-DIOL
3 non-polymer 1,2-ETHANEDIOL
4 non-polymer GLYCEROL
5 water water
#
_entity_poly.entity_id   1
_entity_poly.type   'polypeptide(L)'
_entity_poly.pdbx_seq_one_letter_code
;MASPFVETAGTSFTLNGKEFYFAGTNNYYFHYKSKKMVDDVFEDMKAMNLKVIRIWGFLDGQPQENTVMQPRPGIYDESG
FSKLDYAIYKAGQTGIKLVIPFVNNWDDFGGMNQYVRWFQADGHDAFYTHPDIKEAYKNYVSYMLNRVNTYNGVKYKDDP
AIMAWELANEPRVQSDRTGNTLVEWADEMSEFIKSIDQNHLVAVGDEGFYHIEGHPDWHYNGGEGVDWKRLTALKHIDYG
TYHLYPDHWGKTAEWGNQWITDHICDGKEIGKPVVLEEYGYQDKSRRDYVYRTWLELIEKQSGAGSQFWILTGIQDDGTL
YPDYDGFRIVYPSSAASVISEHAERMNEKSAASEMLQTKRSHDLQ
;
_entity_poly.pdbx_strand_id   A
#
# COMPACT_ATOMS: atom_id res chain seq x y z
N MET A 1 5.12 -2.29 25.77
CA MET A 1 5.14 -3.77 25.70
C MET A 1 5.40 -4.30 24.29
N ALA A 2 6.23 -5.35 24.18
CA ALA A 2 6.47 -5.96 22.87
C ALA A 2 5.16 -6.53 22.32
N SER A 3 4.96 -6.38 21.01
CA SER A 3 3.72 -6.78 20.36
C SER A 3 4.08 -7.54 19.08
N PRO A 4 3.33 -8.59 18.72
CA PRO A 4 3.51 -9.19 17.40
C PRO A 4 2.86 -8.40 16.29
N PHE A 5 2.07 -7.36 16.60
CA PHE A 5 1.55 -6.47 15.56
C PHE A 5 2.54 -5.34 15.32
N VAL A 6 2.68 -4.92 14.06
CA VAL A 6 3.50 -3.75 13.79
C VAL A 6 2.84 -2.56 14.46
N GLU A 7 3.64 -1.76 15.15
CA GLU A 7 3.18 -0.54 15.83
C GLU A 7 4.05 0.62 15.40
N THR A 8 3.79 1.80 15.93
CA THR A 8 4.66 2.94 15.65
C THR A 8 5.26 3.48 16.95
N ALA A 9 6.44 4.10 16.83
CA ALA A 9 7.10 4.84 17.92
C ALA A 9 7.81 6.03 17.25
N GLY A 10 7.21 7.21 17.33
CA GLY A 10 7.80 8.37 16.63
C GLY A 10 7.79 8.16 15.13
N THR A 11 8.95 8.33 14.47
CA THR A 11 9.05 8.20 13.02
C THR A 11 9.38 6.82 12.53
N SER A 12 9.33 5.82 13.42
N SER A 12 9.37 5.81 13.39
N SER A 12 9.39 5.83 13.42
CA SER A 12 9.70 4.46 13.11
CA SER A 12 9.65 4.47 12.89
CA SER A 12 9.72 4.45 13.11
C SER A 12 8.54 3.51 13.42
C SER A 12 8.59 3.51 13.40
C SER A 12 8.51 3.55 13.36
N PHE A 13 8.55 2.37 12.74
CA PHE A 13 7.69 1.27 13.14
C PHE A 13 8.42 0.43 14.19
N THR A 14 7.65 -0.35 14.94
CA THR A 14 8.22 -1.34 15.85
C THR A 14 7.52 -2.68 15.58
N LEU A 15 8.21 -3.73 15.97
CA LEU A 15 7.68 -5.10 15.80
C LEU A 15 8.39 -5.97 16.82
N ASN A 16 7.63 -6.66 17.66
CA ASN A 16 8.24 -7.59 18.61
C ASN A 16 9.34 -6.93 19.44
N GLY A 17 9.09 -5.69 19.86
CA GLY A 17 9.99 -5.02 20.79
C GLY A 17 11.23 -4.41 20.16
N LYS A 18 11.33 -4.41 18.85
CA LYS A 18 12.48 -3.82 18.16
C LYS A 18 11.97 -2.83 17.10
N GLU A 19 12.83 -1.90 16.67
N GLU A 19 12.86 -1.93 16.66
CA GLU A 19 12.45 -1.06 15.53
CA GLU A 19 12.55 -1.11 15.50
C GLU A 19 12.34 -1.92 14.28
C GLU A 19 12.30 -1.99 14.29
N PHE A 20 11.46 -1.49 13.37
CA PHE A 20 11.12 -2.24 12.16
C PHE A 20 11.29 -1.30 10.98
N TYR A 21 12.53 -1.17 10.51
CA TYR A 21 12.83 -0.54 9.23
C TYR A 21 12.82 -1.60 8.15
N PHE A 22 12.24 -1.30 7.00
CA PHE A 22 12.06 -2.38 6.04
C PHE A 22 12.18 -1.86 4.62
N ALA A 23 12.46 -2.78 3.70
CA ALA A 23 12.14 -2.64 2.30
C ALA A 23 11.11 -3.69 1.91
N GLY A 24 10.26 -3.30 0.99
CA GLY A 24 9.15 -4.17 0.60
C GLY A 24 8.76 -3.91 -0.84
N THR A 25 7.54 -4.35 -1.18
CA THR A 25 7.10 -4.27 -2.55
C THR A 25 5.57 -4.24 -2.62
N ASN A 26 5.06 -4.36 -3.84
CA ASN A 26 3.64 -4.37 -4.16
C ASN A 26 3.41 -5.51 -5.14
N ASN A 27 2.21 -6.08 -5.09
CA ASN A 27 1.77 -7.00 -6.15
C ASN A 27 0.23 -7.03 -6.16
N TYR A 28 -0.37 -6.92 -7.34
CA TYR A 28 -1.83 -6.80 -7.44
C TYR A 28 -2.55 -8.11 -7.72
N TYR A 29 -1.84 -9.22 -7.92
CA TYR A 29 -2.49 -10.44 -8.40
C TYR A 29 -2.65 -11.51 -7.36
N PHE A 30 -2.33 -11.25 -6.11
CA PHE A 30 -2.44 -12.30 -5.10
C PHE A 30 -3.88 -12.76 -4.86
N HIS A 31 -4.86 -11.94 -5.15
CA HIS A 31 -6.24 -12.30 -4.90
C HIS A 31 -6.92 -12.97 -6.09
N TYR A 32 -6.20 -13.28 -7.17
CA TYR A 32 -6.81 -14.07 -8.24
C TYR A 32 -5.88 -15.08 -8.89
N LYS A 33 -4.62 -15.14 -8.58
CA LYS A 33 -3.72 -16.11 -9.18
C LYS A 33 -3.54 -17.33 -8.29
N SER A 34 -2.87 -18.35 -8.83
N SER A 34 -2.85 -18.34 -8.82
CA SER A 34 -2.71 -19.64 -8.15
CA SER A 34 -2.71 -19.61 -8.13
C SER A 34 -1.78 -19.51 -6.93
C SER A 34 -1.79 -19.50 -6.92
N LYS A 35 -1.84 -20.53 -6.07
CA LYS A 35 -0.91 -20.62 -4.97
C LYS A 35 0.50 -20.74 -5.47
N LYS A 36 0.73 -21.43 -6.60
CA LYS A 36 2.09 -21.53 -7.14
C LYS A 36 2.62 -20.14 -7.47
N MET A 37 1.80 -19.27 -8.12
CA MET A 37 2.28 -17.94 -8.50
C MET A 37 2.49 -17.06 -7.27
N VAL A 38 1.59 -17.13 -6.30
N VAL A 38 1.59 -17.14 -6.29
CA VAL A 38 1.69 -16.34 -5.08
CA VAL A 38 1.75 -16.29 -5.11
C VAL A 38 2.93 -16.78 -4.28
C VAL A 38 2.87 -16.78 -4.19
N ASP A 39 3.08 -18.10 -4.10
CA ASP A 39 4.21 -18.62 -3.35
C ASP A 39 5.53 -18.19 -3.98
N ASP A 40 5.58 -18.15 -5.31
CA ASP A 40 6.83 -17.77 -5.96
C ASP A 40 7.21 -16.32 -5.61
N VAL A 41 6.23 -15.40 -5.51
CA VAL A 41 6.53 -14.01 -5.13
C VAL A 41 7.00 -13.99 -3.68
N PHE A 42 6.36 -14.74 -2.78
CA PHE A 42 6.85 -14.79 -1.40
C PHE A 42 8.29 -15.31 -1.34
N GLU A 43 8.59 -16.31 -2.16
N GLU A 43 8.60 -16.32 -2.16
CA GLU A 43 9.94 -16.86 -2.16
CA GLU A 43 9.95 -16.85 -2.17
C GLU A 43 10.94 -15.81 -2.67
C GLU A 43 10.94 -15.81 -2.67
N ASP A 44 10.55 -15.08 -3.72
CA ASP A 44 11.41 -13.96 -4.16
C ASP A 44 11.64 -12.95 -3.03
N MET A 45 10.59 -12.64 -2.26
CA MET A 45 10.75 -11.68 -1.16
C MET A 45 11.78 -12.16 -0.17
N LYS A 46 11.74 -13.45 0.19
N LYS A 46 11.74 -13.46 0.19
CA LYS A 46 12.71 -13.94 1.14
CA LYS A 46 12.70 -13.98 1.14
C LYS A 46 14.12 -13.82 0.58
C LYS A 46 14.11 -13.86 0.59
N ALA A 47 14.29 -14.18 -0.70
CA ALA A 47 15.62 -14.09 -1.30
C ALA A 47 16.11 -12.65 -1.34
N MET A 48 15.19 -11.68 -1.46
CA MET A 48 15.52 -10.26 -1.56
C MET A 48 15.50 -9.55 -0.21
N ASN A 49 15.31 -10.28 0.89
CA ASN A 49 15.28 -9.70 2.24
C ASN A 49 14.13 -8.73 2.45
N LEU A 50 13.04 -8.87 1.67
CA LEU A 50 11.91 -7.96 1.81
C LEU A 50 10.98 -8.44 2.91
N LYS A 51 10.42 -7.51 3.68
CA LYS A 51 9.61 -7.84 4.83
C LYS A 51 8.13 -7.49 4.69
N VAL A 52 7.76 -6.68 3.71
CA VAL A 52 6.40 -6.14 3.63
C VAL A 52 5.97 -6.18 2.18
N ILE A 53 4.73 -6.61 1.93
CA ILE A 53 4.16 -6.48 0.60
C ILE A 53 2.76 -5.89 0.66
N ARG A 54 2.51 -4.93 -0.21
CA ARG A 54 1.23 -4.27 -0.36
C ARG A 54 0.43 -4.96 -1.47
N ILE A 55 -0.77 -5.43 -1.12
CA ILE A 55 -1.59 -6.22 -2.05
C ILE A 55 -3.00 -5.65 -2.02
N TRP A 56 -3.74 -5.84 -3.12
CA TRP A 56 -5.11 -5.32 -3.14
C TRP A 56 -6.08 -6.15 -2.30
N GLY A 57 -6.91 -5.47 -1.53
CA GLY A 57 -7.97 -6.12 -0.78
C GLY A 57 -9.33 -5.94 -1.39
N PHE A 58 -9.39 -5.81 -2.71
CA PHE A 58 -10.64 -5.46 -3.40
C PHE A 58 -10.66 -6.14 -4.77
N LEU A 59 -11.88 -6.50 -5.17
CA LEU A 59 -12.12 -7.01 -6.52
C LEU A 59 -13.63 -6.83 -6.74
N ASP A 60 -14.02 -5.60 -7.12
CA ASP A 60 -15.39 -5.11 -7.06
C ASP A 60 -16.00 -5.21 -8.44
N GLY A 61 -17.20 -5.80 -8.51
CA GLY A 61 -17.94 -5.80 -9.77
C GLY A 61 -17.58 -6.99 -10.66
N GLN A 62 -16.90 -6.72 -11.75
CA GLN A 62 -16.61 -7.74 -12.75
C GLN A 62 -15.53 -8.71 -12.26
N PRO A 63 -15.71 -10.01 -12.44
CA PRO A 63 -14.65 -10.95 -12.05
C PRO A 63 -13.42 -10.79 -12.93
N GLN A 64 -12.29 -11.21 -12.39
N GLN A 64 -12.27 -11.18 -12.38
CA GLN A 64 -11.07 -11.34 -13.17
CA GLN A 64 -11.02 -11.34 -13.11
C GLN A 64 -10.62 -12.78 -13.04
C GLN A 64 -10.65 -12.80 -13.02
N GLU A 65 -10.49 -13.44 -14.11
CA GLU A 65 -10.14 -14.89 -14.14
C GLU A 65 -11.04 -15.68 -13.17
N ASN A 66 -12.34 -15.42 -13.42
N ASN A 66 -12.34 -15.45 -13.42
CA ASN A 66 -13.38 -16.13 -12.69
CA ASN A 66 -13.32 -16.22 -12.65
C ASN A 66 -13.34 -15.92 -11.18
C ASN A 66 -13.17 -16.03 -11.15
N THR A 67 -12.72 -14.83 -10.73
CA THR A 67 -12.53 -14.56 -9.30
C THR A 67 -13.07 -13.17 -9.00
N VAL A 68 -13.78 -13.03 -7.89
CA VAL A 68 -14.35 -11.76 -7.50
C VAL A 68 -14.46 -11.73 -5.98
N MET A 69 -14.48 -10.52 -5.39
CA MET A 69 -14.68 -10.36 -3.96
C MET A 69 -16.02 -9.75 -3.63
N GLN A 70 -16.42 -8.72 -4.36
CA GLN A 70 -17.72 -8.06 -4.13
C GLN A 70 -18.39 -7.85 -5.47
N PRO A 71 -19.12 -8.85 -5.97
CA PRO A 71 -19.73 -8.70 -7.31
C PRO A 71 -20.87 -7.70 -7.32
N ARG A 72 -21.53 -7.56 -6.18
CA ARG A 72 -22.66 -6.61 -6.01
C ARG A 72 -22.56 -6.08 -4.59
N PRO A 73 -23.15 -4.90 -4.28
CA PRO A 73 -22.97 -4.34 -2.94
C PRO A 73 -23.39 -5.32 -1.84
N GLY A 74 -22.51 -5.59 -0.90
CA GLY A 74 -22.86 -6.45 0.22
C GLY A 74 -22.84 -7.92 -0.06
N ILE A 75 -22.47 -8.32 -1.28
CA ILE A 75 -22.40 -9.73 -1.65
C ILE A 75 -20.92 -10.08 -1.72
N TYR A 76 -20.48 -10.90 -0.78
CA TYR A 76 -19.04 -11.13 -0.54
C TYR A 76 -18.74 -12.55 -0.98
N ASP A 77 -17.86 -12.70 -1.96
CA ASP A 77 -17.70 -13.96 -2.71
C ASP A 77 -16.43 -14.71 -2.25
N GLU A 78 -16.56 -16.02 -2.03
CA GLU A 78 -15.45 -16.82 -1.57
C GLU A 78 -14.38 -16.98 -2.60
N SER A 79 -14.64 -16.79 -3.89
CA SER A 79 -13.57 -17.03 -4.87
C SER A 79 -12.37 -16.09 -4.62
N GLY A 80 -12.61 -14.77 -4.50
CA GLY A 80 -11.51 -13.84 -4.20
C GLY A 80 -11.17 -13.84 -2.72
N PHE A 81 -12.16 -13.94 -1.81
CA PHE A 81 -11.80 -13.90 -0.39
C PHE A 81 -10.96 -15.10 0.02
N SER A 82 -11.19 -16.28 -0.56
N SER A 82 -11.20 -16.28 -0.57
CA SER A 82 -10.34 -17.42 -0.21
CA SER A 82 -10.35 -17.42 -0.26
C SER A 82 -8.88 -17.18 -0.59
C SER A 82 -8.90 -17.18 -0.68
N LYS A 83 -8.65 -16.54 -1.74
N LYS A 83 -8.71 -16.47 -1.79
CA LYS A 83 -7.30 -16.21 -2.13
CA LYS A 83 -7.36 -16.13 -2.24
C LYS A 83 -6.67 -15.17 -1.23
C LYS A 83 -6.71 -15.17 -1.26
N LEU A 84 -7.43 -14.15 -0.83
CA LEU A 84 -6.88 -13.22 0.16
C LEU A 84 -6.58 -13.93 1.48
N ASP A 85 -7.47 -14.86 1.91
CA ASP A 85 -7.18 -15.64 3.10
C ASP A 85 -5.83 -16.34 2.95
N TYR A 86 -5.61 -16.96 1.79
CA TYR A 86 -4.37 -17.71 1.57
C TYR A 86 -3.16 -16.78 1.67
N ALA A 87 -3.24 -15.57 1.09
CA ALA A 87 -2.12 -14.64 1.16
C ALA A 87 -1.81 -14.27 2.60
N ILE A 88 -2.85 -14.05 3.41
CA ILE A 88 -2.64 -13.71 4.80
C ILE A 88 -2.00 -14.86 5.54
N TYR A 89 -2.51 -16.08 5.27
CA TYR A 89 -1.97 -17.29 5.89
C TYR A 89 -0.49 -17.49 5.53
N LYS A 90 -0.17 -17.37 4.23
CA LYS A 90 1.19 -17.57 3.75
C LYS A 90 2.13 -16.49 4.29
N ALA A 91 1.66 -15.23 4.39
CA ALA A 91 2.46 -14.18 5.02
C ALA A 91 2.79 -14.58 6.46
N GLY A 92 1.81 -15.10 7.20
CA GLY A 92 2.05 -15.52 8.56
C GLY A 92 3.06 -16.66 8.64
N GLN A 93 2.98 -17.61 7.70
CA GLN A 93 3.92 -18.72 7.71
C GLN A 93 5.33 -18.26 7.46
N THR A 94 5.54 -17.22 6.65
CA THR A 94 6.85 -16.84 6.16
C THR A 94 7.41 -15.61 6.89
N GLY A 95 6.71 -15.05 7.86
CA GLY A 95 7.22 -13.89 8.58
C GLY A 95 7.25 -12.60 7.74
N ILE A 96 6.34 -12.48 6.81
N ILE A 96 6.33 -12.51 6.77
CA ILE A 96 6.16 -11.27 6.02
CA ILE A 96 6.18 -11.38 5.85
C ILE A 96 4.88 -10.60 6.46
C ILE A 96 4.89 -10.66 6.20
N LYS A 97 4.86 -9.26 6.36
N LYS A 97 4.92 -9.32 6.19
CA LYS A 97 3.69 -8.46 6.69
CA LYS A 97 3.76 -8.52 6.57
C LYS A 97 3.02 -7.89 5.43
C LYS A 97 3.01 -7.98 5.35
N LEU A 98 1.70 -7.76 5.50
CA LEU A 98 0.87 -7.25 4.43
C LEU A 98 0.30 -5.86 4.71
N VAL A 99 0.23 -5.05 3.67
CA VAL A 99 -0.49 -3.79 3.70
C VAL A 99 -1.64 -3.91 2.70
N ILE A 100 -2.88 -3.66 3.16
CA ILE A 100 -4.04 -4.02 2.33
C ILE A 100 -4.99 -2.82 2.21
N PRO A 101 -5.07 -2.17 1.05
CA PRO A 101 -6.11 -1.15 0.82
C PRO A 101 -7.46 -1.79 0.49
N PHE A 102 -8.53 -1.07 0.90
CA PHE A 102 -9.91 -1.57 0.77
C PHE A 102 -10.57 -1.26 -0.54
N VAL A 103 -10.10 -0.27 -1.31
CA VAL A 103 -10.76 0.10 -2.58
C VAL A 103 -9.69 0.72 -3.45
N ASN A 104 -9.89 0.69 -4.77
CA ASN A 104 -9.00 1.38 -5.71
C ASN A 104 -9.54 2.75 -6.08
N ASN A 105 -8.67 3.77 -6.11
CA ASN A 105 -9.09 5.02 -6.76
C ASN A 105 -9.40 4.77 -8.22
N TRP A 106 -8.63 3.88 -8.85
CA TRP A 106 -8.66 3.61 -10.30
C TRP A 106 -9.66 2.50 -10.61
N ASP A 107 -9.86 2.31 -11.91
CA ASP A 107 -10.92 1.39 -12.32
C ASP A 107 -10.46 -0.08 -12.34
N ASP A 108 -9.18 -0.35 -12.16
CA ASP A 108 -8.71 -1.73 -12.15
C ASP A 108 -9.27 -2.41 -10.94
N PHE A 109 -9.93 -3.55 -11.17
CA PHE A 109 -10.58 -4.30 -10.10
C PHE A 109 -11.78 -3.55 -9.52
N GLY A 110 -12.39 -2.71 -10.37
CA GLY A 110 -13.68 -2.09 -10.13
C GLY A 110 -13.51 -0.67 -9.61
N GLY A 111 -12.94 -0.50 -8.40
CA GLY A 111 -12.62 0.84 -7.89
C GLY A 111 -13.83 1.59 -7.38
N MET A 112 -13.55 2.84 -7.01
CA MET A 112 -14.57 3.76 -6.56
C MET A 112 -15.64 3.90 -7.63
N ASN A 113 -15.26 3.88 -8.90
CA ASN A 113 -16.24 4.02 -9.98
C ASN A 113 -17.24 2.86 -10.04
N GLN A 114 -16.85 1.66 -9.61
CA GLN A 114 -17.83 0.58 -9.49
C GLN A 114 -18.88 0.93 -8.42
N TYR A 115 -18.47 1.55 -7.30
CA TYR A 115 -19.48 1.98 -6.32
C TYR A 115 -20.36 3.06 -6.91
N VAL A 116 -19.77 4.00 -7.65
CA VAL A 116 -20.56 5.06 -8.30
C VAL A 116 -21.60 4.43 -9.23
N ARG A 117 -21.19 3.41 -10.00
CA ARG A 117 -22.11 2.73 -10.90
C ARG A 117 -23.22 2.00 -10.13
N TRP A 118 -22.84 1.23 -9.11
CA TRP A 118 -23.84 0.49 -8.34
C TRP A 118 -24.89 1.43 -7.75
N PHE A 119 -24.46 2.58 -7.25
CA PHE A 119 -25.31 3.52 -6.53
C PHE A 119 -25.84 4.63 -7.38
N GLN A 120 -25.71 4.53 -8.71
N GLN A 120 -25.69 4.54 -8.70
CA GLN A 120 -26.38 5.48 -9.62
CA GLN A 120 -26.38 5.44 -9.61
C GLN A 120 -25.93 6.91 -9.43
C GLN A 120 -25.93 6.89 -9.44
N ALA A 121 -24.66 7.13 -9.09
CA ALA A 121 -24.14 8.47 -8.87
C ALA A 121 -23.57 9.00 -10.17
N ASP A 122 -23.19 10.27 -10.16
CA ASP A 122 -22.93 10.99 -11.41
C ASP A 122 -21.46 11.19 -11.72
N GLY A 123 -20.55 10.73 -10.85
CA GLY A 123 -19.13 10.83 -11.18
C GLY A 123 -18.29 10.27 -10.05
N HIS A 124 -17.00 10.04 -10.36
CA HIS A 124 -16.05 9.41 -9.46
C HIS A 124 -16.11 9.95 -8.04
N ASP A 125 -16.08 11.28 -7.92
CA ASP A 125 -15.87 11.86 -6.59
C ASP A 125 -17.09 11.77 -5.69
N ALA A 126 -18.24 11.35 -6.25
CA ALA A 126 -19.39 11.05 -5.39
C ALA A 126 -19.08 9.97 -4.39
N PHE A 127 -18.11 9.10 -4.70
CA PHE A 127 -17.73 8.04 -3.78
C PHE A 127 -17.46 8.57 -2.38
N TYR A 128 -16.89 9.77 -2.25
CA TYR A 128 -16.44 10.27 -0.96
C TYR A 128 -17.54 10.95 -0.17
N THR A 129 -18.61 11.38 -0.81
CA THR A 129 -19.60 12.23 -0.15
C THR A 129 -20.97 11.63 -0.07
N HIS A 130 -21.34 10.71 -0.96
CA HIS A 130 -22.72 10.22 -0.92
C HIS A 130 -22.88 9.26 0.22
N PRO A 131 -23.86 9.49 1.10
CA PRO A 131 -24.03 8.56 2.25
C PRO A 131 -24.23 7.10 1.86
N ASP A 132 -24.92 6.80 0.77
CA ASP A 132 -25.17 5.39 0.36
C ASP A 132 -23.82 4.71 0.05
N ILE A 133 -22.96 5.44 -0.67
CA ILE A 133 -21.67 4.84 -1.02
C ILE A 133 -20.77 4.71 0.19
N LYS A 134 -20.76 5.72 1.05
N LYS A 134 -20.77 5.73 1.05
CA LYS A 134 -19.94 5.63 2.26
CA LYS A 134 -19.96 5.66 2.27
C LYS A 134 -20.38 4.45 3.12
C LYS A 134 -20.39 4.48 3.14
N GLU A 135 -21.70 4.21 3.22
CA GLU A 135 -22.16 3.08 4.01
C GLU A 135 -21.82 1.74 3.36
N ALA A 136 -21.84 1.68 2.02
CA ALA A 136 -21.44 0.44 1.36
C ALA A 136 -19.96 0.17 1.61
N TYR A 137 -19.12 1.22 1.54
CA TYR A 137 -17.70 1.06 1.83
C TYR A 137 -17.52 0.60 3.27
N LYS A 138 -18.21 1.21 4.23
CA LYS A 138 -18.14 0.77 5.61
C LYS A 138 -18.56 -0.68 5.78
N ASN A 139 -19.65 -1.09 5.10
CA ASN A 139 -20.08 -2.47 5.24
C ASN A 139 -19.01 -3.42 4.72
N TYR A 140 -18.35 -3.06 3.62
CA TYR A 140 -17.29 -3.90 3.09
C TYR A 140 -16.12 -3.97 4.04
N VAL A 141 -15.71 -2.82 4.58
CA VAL A 141 -14.61 -2.79 5.55
C VAL A 141 -14.93 -3.65 6.75
N SER A 142 -16.13 -3.46 7.31
CA SER A 142 -16.50 -4.21 8.50
C SER A 142 -16.56 -5.72 8.23
N TYR A 143 -17.05 -6.11 7.05
CA TYR A 143 -17.03 -7.52 6.69
C TYR A 143 -15.60 -8.03 6.67
N MET A 144 -14.68 -7.31 6.01
N MET A 144 -14.70 -7.29 6.03
CA MET A 144 -13.31 -7.78 5.94
CA MET A 144 -13.33 -7.77 5.91
C MET A 144 -12.70 -7.90 7.30
C MET A 144 -12.66 -7.86 7.27
N LEU A 145 -12.82 -6.83 8.11
CA LEU A 145 -12.14 -6.86 9.41
C LEU A 145 -12.61 -8.04 10.23
N ASN A 146 -13.88 -8.39 10.13
CA ASN A 146 -14.49 -9.46 10.92
C ASN A 146 -14.43 -10.82 10.27
N ARG A 147 -13.90 -10.92 9.05
CA ARG A 147 -13.93 -12.22 8.37
C ARG A 147 -13.00 -13.21 9.04
N VAL A 148 -13.47 -14.43 9.22
CA VAL A 148 -12.64 -15.54 9.69
C VAL A 148 -11.85 -16.10 8.52
N ASN A 149 -10.52 -16.06 8.61
CA ASN A 149 -9.68 -16.61 7.57
C ASN A 149 -9.88 -18.13 7.50
N THR A 150 -10.29 -18.63 6.34
CA THR A 150 -10.59 -20.05 6.18
C THR A 150 -9.37 -20.92 6.30
N TYR A 151 -8.16 -20.36 6.23
CA TYR A 151 -6.94 -21.16 6.37
C TYR A 151 -6.47 -21.30 7.79
N ASN A 152 -6.95 -20.49 8.74
CA ASN A 152 -6.44 -20.60 10.10
C ASN A 152 -7.43 -20.29 11.21
N GLY A 153 -8.67 -19.94 10.91
CA GLY A 153 -9.63 -19.63 11.92
C GLY A 153 -9.46 -18.31 12.64
N VAL A 154 -8.55 -17.43 12.18
CA VAL A 154 -8.25 -16.17 12.83
C VAL A 154 -8.96 -15.06 12.04
N LYS A 155 -9.70 -14.19 12.73
N LYS A 155 -9.71 -14.19 12.73
CA LYS A 155 -10.29 -13.05 12.05
CA LYS A 155 -10.31 -13.06 12.04
C LYS A 155 -9.21 -12.12 11.52
C LYS A 155 -9.23 -12.10 11.54
N TYR A 156 -9.48 -11.48 10.39
CA TYR A 156 -8.48 -10.57 9.83
C TYR A 156 -8.03 -9.52 10.88
N LYS A 157 -8.97 -8.94 11.64
CA LYS A 157 -8.61 -7.90 12.61
C LYS A 157 -7.71 -8.41 13.71
N ASP A 158 -7.59 -9.74 13.86
CA ASP A 158 -6.75 -10.33 14.89
C ASP A 158 -5.45 -10.94 14.35
N ASP A 159 -5.14 -10.79 13.07
CA ASP A 159 -4.02 -11.51 12.50
C ASP A 159 -2.80 -10.60 12.43
N PRO A 160 -1.70 -10.89 13.15
CA PRO A 160 -0.50 -10.02 13.08
C PRO A 160 0.29 -10.13 11.80
N ALA A 161 -0.07 -11.00 10.85
CA ALA A 161 0.56 -10.98 9.54
C ALA A 161 0.17 -9.76 8.73
N ILE A 162 -0.92 -9.10 9.09
CA ILE A 162 -1.29 -7.83 8.46
C ILE A 162 -0.64 -6.69 9.23
N MET A 163 0.20 -5.89 8.54
CA MET A 163 0.81 -4.70 9.11
C MET A 163 -0.19 -3.56 9.19
N ALA A 164 -0.93 -3.31 8.11
CA ALA A 164 -1.78 -2.13 8.08
C ALA A 164 -2.93 -2.34 7.13
N TRP A 165 -4.06 -1.72 7.48
CA TRP A 165 -5.14 -1.47 6.55
C TRP A 165 -4.90 -0.12 5.89
N GLU A 166 -5.38 0.01 4.66
CA GLU A 166 -5.27 1.30 3.95
C GLU A 166 -6.64 1.68 3.41
N LEU A 167 -6.96 2.97 3.55
CA LEU A 167 -8.30 3.40 3.14
C LEU A 167 -8.52 3.15 1.66
N ALA A 168 -7.53 3.44 0.81
CA ALA A 168 -7.70 3.31 -0.63
C ALA A 168 -6.35 3.25 -1.29
N ASN A 169 -6.29 2.77 -2.53
CA ASN A 169 -5.09 2.90 -3.36
C ASN A 169 -5.17 4.23 -4.10
N GLU A 170 -4.28 5.16 -3.76
CA GLU A 170 -4.13 6.42 -4.51
C GLU A 170 -5.41 7.25 -4.59
N PRO A 171 -6.16 7.41 -3.50
CA PRO A 171 -7.38 8.24 -3.58
C PRO A 171 -7.06 9.66 -4.05
N ARG A 172 -7.85 10.13 -4.99
CA ARG A 172 -7.80 11.51 -5.46
C ARG A 172 -9.23 12.06 -5.48
N VAL A 173 -9.34 13.38 -5.33
CA VAL A 173 -10.61 14.10 -5.44
C VAL A 173 -10.33 15.32 -6.33
N GLN A 174 -10.24 15.09 -7.62
CA GLN A 174 -9.83 16.16 -8.52
C GLN A 174 -10.82 17.27 -8.54
N SER A 175 -12.08 17.01 -8.20
CA SER A 175 -13.06 18.08 -8.22
C SER A 175 -12.99 18.97 -6.98
N ASP A 176 -12.17 18.70 -5.97
N ASP A 176 -12.12 18.67 -6.02
CA ASP A 176 -12.14 19.56 -4.78
CA ASP A 176 -12.00 19.42 -4.78
C ASP A 176 -10.70 20.03 -4.52
C ASP A 176 -10.60 19.99 -4.61
N ARG A 177 -10.41 21.24 -5.00
CA ARG A 177 -9.09 21.85 -4.86
C ARG A 177 -8.69 22.14 -3.42
N THR A 178 -9.63 22.16 -2.49
CA THR A 178 -9.29 22.49 -1.11
C THR A 178 -8.59 21.36 -0.37
N GLY A 179 -8.80 20.10 -0.79
CA GLY A 179 -8.35 18.92 -0.06
C GLY A 179 -9.28 18.54 1.10
N ASN A 180 -10.35 19.32 1.31
CA ASN A 180 -11.22 19.05 2.45
C ASN A 180 -11.98 17.75 2.31
N THR A 181 -12.45 17.45 1.10
CA THR A 181 -13.30 16.24 0.94
C THR A 181 -12.55 15.00 1.36
N LEU A 182 -11.31 14.83 0.87
CA LEU A 182 -10.57 13.62 1.20
C LEU A 182 -10.18 13.60 2.67
N VAL A 183 -9.84 14.75 3.24
CA VAL A 183 -9.51 14.76 4.66
C VAL A 183 -10.71 14.33 5.51
N GLU A 184 -11.88 14.87 5.20
CA GLU A 184 -13.09 14.52 5.95
C GLU A 184 -13.43 13.04 5.79
N TRP A 185 -13.35 12.53 4.57
CA TRP A 185 -13.63 11.11 4.35
C TRP A 185 -12.62 10.25 5.07
N ALA A 186 -11.34 10.62 4.99
CA ALA A 186 -10.30 9.81 5.63
C ALA A 186 -10.43 9.84 7.12
N ASP A 187 -10.84 10.98 7.69
CA ASP A 187 -11.07 11.06 9.13
C ASP A 187 -12.18 10.09 9.54
N GLU A 188 -13.29 10.13 8.79
CA GLU A 188 -14.41 9.27 9.12
C GLU A 188 -14.03 7.79 8.99
N MET A 189 -13.34 7.42 7.91
N MET A 189 -13.38 7.42 7.88
CA MET A 189 -13.12 5.99 7.65
CA MET A 189 -13.12 6.01 7.64
C MET A 189 -11.99 5.40 8.47
C MET A 189 -12.09 5.46 8.61
N SER A 190 -10.99 6.21 8.84
CA SER A 190 -9.98 5.73 9.77
C SER A 190 -10.55 5.58 11.16
N GLU A 191 -11.38 6.53 11.59
CA GLU A 191 -12.08 6.35 12.86
C GLU A 191 -12.92 5.08 12.87
N PHE A 192 -13.65 4.83 11.78
CA PHE A 192 -14.49 3.64 11.69
C PHE A 192 -13.65 2.37 11.83
N ILE A 193 -12.54 2.26 11.10
CA ILE A 193 -11.71 1.07 11.19
C ILE A 193 -11.22 0.88 12.62
N LYS A 194 -10.73 1.97 13.24
N LYS A 194 -10.74 1.96 13.24
CA LYS A 194 -10.19 1.85 14.59
CA LYS A 194 -10.18 1.86 14.58
C LYS A 194 -11.27 1.49 15.61
C LYS A 194 -11.25 1.58 15.62
N SER A 195 -12.53 1.83 15.32
CA SER A 195 -13.61 1.46 16.24
C SER A 195 -13.83 -0.05 16.28
N ILE A 196 -13.39 -0.75 15.25
CA ILE A 196 -13.54 -2.21 15.14
C ILE A 196 -12.23 -2.94 15.45
N ASP A 197 -11.14 -2.48 14.88
CA ASP A 197 -9.84 -3.16 14.96
C ASP A 197 -8.89 -2.28 15.78
N GLN A 198 -8.60 -2.73 17.00
CA GLN A 198 -7.69 -2.06 17.89
C GLN A 198 -6.31 -2.67 17.86
N ASN A 199 -6.02 -3.57 16.92
CA ASN A 199 -4.70 -4.16 16.80
C ASN A 199 -3.85 -3.52 15.72
N HIS A 200 -4.43 -3.12 14.60
CA HIS A 200 -3.67 -2.80 13.39
C HIS A 200 -3.52 -1.30 13.15
N LEU A 201 -2.44 -0.99 12.43
CA LEU A 201 -2.21 0.34 11.90
C LEU A 201 -3.16 0.61 10.76
N VAL A 202 -3.40 1.91 10.51
CA VAL A 202 -4.20 2.39 9.39
C VAL A 202 -3.43 3.52 8.70
N ALA A 203 -3.40 3.48 7.36
CA ALA A 203 -2.84 4.57 6.56
C ALA A 203 -3.85 4.92 5.46
N VAL A 204 -3.66 6.08 4.85
CA VAL A 204 -4.57 6.54 3.82
C VAL A 204 -4.36 5.81 2.49
N GLY A 205 -3.09 5.69 2.06
CA GLY A 205 -2.75 5.18 0.76
C GLY A 205 -2.66 6.21 -0.34
N ASP A 206 -2.70 7.48 0.01
CA ASP A 206 -2.53 8.54 -0.97
C ASP A 206 -1.09 8.64 -1.47
N GLU A 207 -0.94 9.40 -2.57
CA GLU A 207 0.34 9.54 -3.26
C GLU A 207 1.29 10.56 -2.65
N GLY A 208 0.84 11.36 -1.67
CA GLY A 208 1.76 12.25 -0.97
C GLY A 208 1.74 13.69 -1.44
N PHE A 209 0.86 14.04 -2.38
CA PHE A 209 0.84 15.41 -2.91
C PHE A 209 0.55 16.41 -1.81
N TYR A 210 1.21 17.55 -1.93
CA TYR A 210 1.02 18.66 -1.01
C TYR A 210 -0.12 19.58 -1.47
N HIS A 211 -0.72 20.27 -0.53
CA HIS A 211 -1.63 21.38 -0.86
C HIS A 211 -0.84 22.66 -0.86
N ILE A 212 -0.57 23.17 -2.05
CA ILE A 212 0.17 24.41 -2.22
C ILE A 212 -0.88 25.47 -2.57
N GLU A 213 -0.98 26.52 -1.76
CA GLU A 213 -2.10 27.43 -1.98
C GLU A 213 -1.87 28.29 -3.22
N GLY A 214 -2.97 28.82 -3.75
CA GLY A 214 -2.94 29.53 -5.01
C GLY A 214 -3.12 28.56 -6.17
N HIS A 215 -2.30 28.74 -7.20
CA HIS A 215 -2.42 27.96 -8.43
C HIS A 215 -1.05 27.50 -8.90
N PRO A 216 -0.47 26.51 -8.22
CA PRO A 216 0.88 26.05 -8.59
C PRO A 216 0.91 25.53 -10.02
N ASP A 217 2.05 25.72 -10.68
CA ASP A 217 2.21 25.22 -12.04
C ASP A 217 2.09 23.69 -12.11
N TRP A 218 2.60 22.97 -11.10
CA TRP A 218 2.55 21.51 -11.10
C TRP A 218 1.26 21.13 -10.39
N HIS A 219 0.25 20.74 -11.20
CA HIS A 219 -1.12 20.66 -10.74
C HIS A 219 -1.30 19.54 -9.71
N TYR A 220 -0.36 18.58 -9.66
CA TYR A 220 -0.46 17.50 -8.67
C TYR A 220 -0.49 18.02 -7.24
N ASN A 221 0.20 19.13 -6.96
CA ASN A 221 0.25 19.72 -5.60
C ASN A 221 -0.90 20.70 -5.33
N GLY A 222 -2.07 20.14 -5.23
CA GLY A 222 -3.27 20.88 -4.87
C GLY A 222 -4.41 20.35 -5.70
N GLY A 223 -4.15 20.22 -7.01
CA GLY A 223 -5.18 19.93 -8.00
C GLY A 223 -5.73 18.51 -7.99
N GLU A 224 -5.13 17.61 -7.23
N GLU A 224 -5.15 17.61 -7.23
CA GLU A 224 -5.67 16.26 -7.15
CA GLU A 224 -5.70 16.26 -7.16
C GLU A 224 -6.60 16.09 -5.97
C GLU A 224 -6.53 16.05 -5.93
N GLY A 225 -6.80 17.10 -5.14
CA GLY A 225 -7.63 16.93 -3.96
C GLY A 225 -6.93 16.28 -2.79
N VAL A 226 -5.62 16.12 -2.87
CA VAL A 226 -4.83 15.44 -1.85
C VAL A 226 -4.03 16.49 -1.08
N ASP A 227 -4.18 16.52 0.24
CA ASP A 227 -3.41 17.41 1.14
C ASP A 227 -2.71 16.44 2.11
N TRP A 228 -1.49 16.01 1.75
CA TRP A 228 -0.86 14.94 2.46
C TRP A 228 -0.51 15.32 3.88
N LYS A 229 -0.10 16.58 4.12
CA LYS A 229 0.25 16.91 5.50
C LYS A 229 -0.98 16.80 6.41
N ARG A 230 -2.15 17.25 5.93
N ARG A 230 -2.15 17.25 5.94
CA ARG A 230 -3.36 17.16 6.75
CA ARG A 230 -3.35 17.14 6.76
C ARG A 230 -3.83 15.71 6.90
C ARG A 230 -3.78 15.68 6.92
N LEU A 231 -3.74 14.92 5.83
CA LEU A 231 -4.13 13.50 5.90
C LEU A 231 -3.26 12.77 6.89
N THR A 232 -1.93 13.01 6.85
CA THR A 232 -1.02 12.27 7.72
C THR A 232 -1.21 12.66 9.17
N ALA A 233 -1.65 13.91 9.41
CA ALA A 233 -1.83 14.40 10.76
C ALA A 233 -3.16 13.93 11.38
N LEU A 234 -4.02 13.22 10.65
CA LEU A 234 -5.31 12.80 11.22
C LEU A 234 -5.08 11.87 12.40
N LYS A 235 -5.93 11.97 13.42
CA LYS A 235 -5.72 11.25 14.68
C LYS A 235 -5.62 9.75 14.49
N HIS A 236 -6.46 9.17 13.61
CA HIS A 236 -6.52 7.73 13.48
C HIS A 236 -5.73 7.21 12.30
N ILE A 237 -4.84 8.03 11.76
N ILE A 237 -4.81 8.03 11.78
CA ILE A 237 -3.87 7.63 10.76
CA ILE A 237 -3.86 7.63 10.73
C ILE A 237 -2.52 7.44 11.44
C ILE A 237 -2.49 7.48 11.37
N ASP A 238 -1.90 6.29 11.25
CA ASP A 238 -0.67 6.00 12.02
C ASP A 238 0.62 6.36 11.28
N TYR A 239 0.59 6.42 9.95
CA TYR A 239 1.79 6.73 9.19
C TYR A 239 1.38 7.38 7.88
N GLY A 240 2.27 8.17 7.29
CA GLY A 240 2.01 8.76 6.00
C GLY A 240 2.51 7.93 4.86
N THR A 241 1.77 7.96 3.73
CA THR A 241 2.17 7.25 2.54
C THR A 241 2.51 8.25 1.45
N TYR A 242 3.51 7.93 0.64
CA TYR A 242 3.81 8.78 -0.52
C TYR A 242 4.30 7.85 -1.63
N HIS A 243 3.95 8.17 -2.87
CA HIS A 243 4.29 7.36 -4.05
C HIS A 243 5.22 8.22 -4.93
N LEU A 244 5.87 7.60 -5.91
CA LEU A 244 6.84 8.36 -6.67
C LEU A 244 6.96 7.76 -8.07
N TYR A 245 6.51 8.52 -9.07
CA TYR A 245 6.58 8.12 -10.47
C TYR A 245 6.97 9.35 -11.27
N PRO A 246 8.25 9.77 -11.19
CA PRO A 246 8.59 11.10 -11.68
C PRO A 246 8.40 11.19 -13.16
N ASP A 247 8.54 10.08 -13.90
CA ASP A 247 8.43 10.14 -15.35
C ASP A 247 7.04 10.58 -15.71
N HIS A 248 6.03 9.81 -15.22
CA HIS A 248 4.60 10.04 -15.39
C HIS A 248 4.26 11.46 -15.09
N TRP A 249 4.83 11.97 -14.00
CA TRP A 249 4.38 13.25 -13.47
C TRP A 249 5.08 14.41 -14.13
N GLY A 250 5.91 14.16 -15.14
CA GLY A 250 6.63 15.23 -15.82
C GLY A 250 7.80 15.77 -15.03
N LYS A 251 8.40 14.98 -14.14
CA LYS A 251 9.49 15.34 -13.25
C LYS A 251 10.71 14.47 -13.58
N THR A 252 11.78 14.66 -12.84
CA THR A 252 13.04 13.93 -13.07
C THR A 252 13.36 13.07 -11.84
N ALA A 253 14.39 12.23 -11.98
CA ALA A 253 14.86 11.42 -10.85
C ALA A 253 15.38 12.31 -9.73
N GLU A 254 16.03 13.43 -10.09
CA GLU A 254 16.56 14.33 -9.08
C GLU A 254 15.44 15.06 -8.34
N TRP A 255 14.37 15.44 -9.06
CA TRP A 255 13.19 15.90 -8.34
C TRP A 255 12.69 14.84 -7.37
N GLY A 256 12.74 13.57 -7.78
CA GLY A 256 12.35 12.47 -6.90
C GLY A 256 13.19 12.39 -5.63
N ASN A 257 14.51 12.70 -5.75
CA ASN A 257 15.35 12.74 -4.55
C ASN A 257 14.79 13.74 -3.56
N GLN A 258 14.46 14.96 -4.07
CA GLN A 258 13.95 16.03 -3.22
C GLN A 258 12.57 15.66 -2.65
N TRP A 259 11.74 14.95 -3.44
CA TRP A 259 10.42 14.52 -2.98
C TRP A 259 10.55 13.56 -1.80
N ILE A 260 11.51 12.63 -1.88
CA ILE A 260 11.74 11.71 -0.78
C ILE A 260 12.23 12.47 0.44
N THR A 261 13.25 13.32 0.26
CA THR A 261 13.77 14.08 1.38
C THR A 261 12.65 14.92 2.03
N ASP A 262 11.82 15.57 1.21
CA ASP A 262 10.74 16.40 1.79
C ASP A 262 9.76 15.57 2.61
N HIS A 263 9.37 14.39 2.10
CA HIS A 263 8.40 13.59 2.85
C HIS A 263 9.00 13.01 4.12
N ILE A 264 10.28 12.57 4.06
CA ILE A 264 10.91 12.07 5.30
C ILE A 264 10.99 13.21 6.31
N CYS A 265 11.47 14.40 5.87
CA CYS A 265 11.50 15.56 6.76
C CYS A 265 10.15 15.86 7.36
N ASP A 266 9.09 15.84 6.53
CA ASP A 266 7.78 16.14 7.09
C ASP A 266 7.33 15.07 8.08
N GLY A 267 7.74 13.81 7.89
CA GLY A 267 7.47 12.81 8.93
C GLY A 267 8.17 13.16 10.23
N LYS A 268 9.42 13.67 10.16
CA LYS A 268 10.10 14.09 11.39
C LYS A 268 9.36 15.24 12.06
N GLU A 269 8.82 16.17 11.28
N GLU A 269 8.83 16.15 11.25
CA GLU A 269 8.16 17.33 11.89
CA GLU A 269 8.14 17.33 11.78
C GLU A 269 6.79 16.95 12.43
C GLU A 269 6.81 16.96 12.40
N ILE A 270 6.04 16.09 11.72
CA ILE A 270 4.72 15.65 12.21
C ILE A 270 4.91 14.65 13.36
N GLY A 271 6.01 13.90 13.37
CA GLY A 271 6.23 12.88 14.37
C GLY A 271 5.57 11.53 14.08
N LYS A 272 5.47 11.15 12.82
CA LYS A 272 4.93 9.83 12.45
C LYS A 272 5.83 9.25 11.39
N PRO A 273 5.84 7.93 11.27
CA PRO A 273 6.60 7.31 10.17
C PRO A 273 6.01 7.67 8.83
N VAL A 274 6.84 7.62 7.79
CA VAL A 274 6.40 7.76 6.41
C VAL A 274 7.02 6.68 5.57
N VAL A 275 6.23 6.18 4.62
CA VAL A 275 6.65 5.08 3.76
C VAL A 275 6.50 5.49 2.29
N LEU A 276 7.59 5.32 1.52
CA LEU A 276 7.56 5.49 0.06
C LEU A 276 6.98 4.21 -0.52
N GLU A 277 5.70 4.05 -0.50
CA GLU A 277 4.79 2.88 -0.59
C GLU A 277 4.74 2.37 -2.04
N GLU A 278 4.96 3.26 -3.03
CA GLU A 278 5.14 2.82 -4.41
C GLU A 278 6.24 3.71 -4.98
N TYR A 279 7.15 3.12 -5.72
CA TYR A 279 8.08 3.91 -6.52
C TYR A 279 8.45 3.12 -7.75
N GLY A 280 8.74 3.85 -8.84
CA GLY A 280 9.16 3.21 -10.07
C GLY A 280 9.80 4.22 -11.00
N TYR A 281 10.65 3.74 -11.88
CA TYR A 281 11.34 4.59 -12.84
C TYR A 281 11.38 3.82 -14.14
N GLN A 282 11.01 4.50 -15.23
N GLN A 282 10.94 4.44 -15.24
CA GLN A 282 10.75 3.82 -16.50
CA GLN A 282 10.74 3.65 -16.46
C GLN A 282 12.01 3.36 -17.21
C GLN A 282 12.00 3.34 -17.27
N ASP A 283 13.04 4.19 -17.26
CA ASP A 283 14.22 3.91 -18.09
C ASP A 283 15.04 2.81 -17.41
N LYS A 284 14.95 1.59 -17.92
CA LYS A 284 15.63 0.48 -17.24
C LYS A 284 17.15 0.62 -17.27
N SER A 285 17.71 1.37 -18.23
CA SER A 285 19.14 1.57 -18.27
C SER A 285 19.63 2.49 -17.17
N ARG A 286 18.74 3.27 -16.55
CA ARG A 286 19.12 4.15 -15.45
C ARG A 286 18.48 3.79 -14.14
N ARG A 287 17.50 2.87 -14.14
N ARG A 287 17.51 2.86 -14.14
CA ARG A 287 16.75 2.65 -12.90
CA ARG A 287 16.75 2.62 -12.92
C ARG A 287 17.61 2.09 -11.77
C ARG A 287 17.60 2.07 -11.77
N ASP A 288 18.66 1.31 -12.06
CA ASP A 288 19.47 0.77 -10.96
C ASP A 288 20.11 1.92 -10.18
N TYR A 289 20.70 2.88 -10.89
CA TYR A 289 21.30 4.04 -10.23
C TYR A 289 20.24 4.89 -9.54
N VAL A 290 19.10 5.10 -10.19
CA VAL A 290 18.06 5.93 -9.62
C VAL A 290 17.51 5.31 -8.33
N TYR A 291 17.22 4.00 -8.37
CA TYR A 291 16.73 3.31 -7.17
C TYR A 291 17.79 3.30 -6.09
N ARG A 292 19.06 3.04 -6.48
CA ARG A 292 20.08 3.04 -5.45
C ARG A 292 20.10 4.37 -4.70
N THR A 293 20.02 5.47 -5.46
CA THR A 293 20.09 6.81 -4.88
C THR A 293 18.86 7.08 -4.02
N TRP A 294 17.67 6.73 -4.50
CA TRP A 294 16.47 6.93 -3.69
C TRP A 294 16.55 6.13 -2.40
N LEU A 295 16.96 4.84 -2.49
CA LEU A 295 16.96 4.01 -1.30
C LEU A 295 18.04 4.44 -0.31
N GLU A 296 19.16 4.99 -0.80
N GLU A 296 19.16 4.98 -0.81
CA GLU A 296 20.16 5.49 0.13
CA GLU A 296 20.17 5.53 0.08
C GLU A 296 19.66 6.71 0.88
C GLU A 296 19.61 6.67 0.89
N LEU A 297 18.79 7.53 0.27
CA LEU A 297 18.18 8.62 1.04
C LEU A 297 17.31 8.05 2.14
N ILE A 298 16.47 7.05 1.79
N ILE A 298 16.51 7.02 1.84
CA ILE A 298 15.64 6.38 2.79
CA ILE A 298 15.67 6.51 2.90
C ILE A 298 16.50 5.91 3.96
C ILE A 298 16.52 5.89 4.01
N GLU A 299 17.61 5.24 3.65
CA GLU A 299 18.45 4.67 4.70
C GLU A 299 19.12 5.78 5.54
N LYS A 300 19.77 6.74 4.87
CA LYS A 300 20.59 7.73 5.56
C LYS A 300 19.75 8.75 6.32
N GLN A 301 18.56 9.08 5.81
N GLN A 301 18.55 9.06 5.82
CA GLN A 301 17.69 10.05 6.46
CA GLN A 301 17.65 10.02 6.45
C GLN A 301 16.66 9.41 7.38
C GLN A 301 16.68 9.38 7.43
N SER A 302 16.79 8.09 7.61
N SER A 302 16.79 8.07 7.63
CA SER A 302 15.94 7.41 8.59
CA SER A 302 15.95 7.37 8.59
C SER A 302 14.46 7.44 8.21
C SER A 302 14.46 7.39 8.22
N GLY A 303 14.16 7.26 6.94
CA GLY A 303 12.78 6.97 6.57
C GLY A 303 12.40 5.58 7.06
N ALA A 304 11.11 5.42 7.36
CA ALA A 304 10.70 4.16 7.97
C ALA A 304 10.78 2.99 6.99
N GLY A 305 10.49 3.20 5.72
CA GLY A 305 10.54 2.12 4.75
C GLY A 305 10.13 2.58 3.38
N SER A 306 10.07 1.60 2.45
CA SER A 306 9.75 1.85 1.07
C SER A 306 9.27 0.55 0.48
N GLN A 307 8.54 0.64 -0.63
CA GLN A 307 7.98 -0.55 -1.30
C GLN A 307 7.98 -0.24 -2.80
N PHE A 308 8.75 -1.00 -3.55
CA PHE A 308 8.82 -0.76 -5.01
C PHE A 308 7.60 -1.33 -5.75
N TRP A 309 7.31 -0.71 -6.86
CA TRP A 309 6.30 -1.24 -7.80
C TRP A 309 7.12 -1.69 -9.02
N ILE A 310 7.17 -2.99 -9.36
CA ILE A 310 6.31 -4.12 -8.88
C ILE A 310 7.14 -5.39 -8.92
N LEU A 311 6.99 -6.25 -7.91
CA LEU A 311 7.64 -7.57 -7.95
C LEU A 311 6.67 -8.57 -8.54
N THR A 312 7.04 -9.20 -9.66
CA THR A 312 6.23 -10.30 -10.18
C THR A 312 7.17 -11.50 -10.37
N GLY A 313 6.56 -12.69 -10.39
CA GLY A 313 7.28 -13.96 -10.42
C GLY A 313 6.95 -14.77 -11.63
N ILE A 314 6.98 -16.09 -11.46
CA ILE A 314 6.63 -17.01 -12.54
C ILE A 314 5.11 -17.11 -12.71
N GLN A 315 4.74 -17.55 -13.89
N GLN A 315 4.73 -17.57 -13.90
CA GLN A 315 3.38 -18.03 -14.14
CA GLN A 315 3.38 -18.03 -14.16
C GLN A 315 3.27 -19.52 -13.90
C GLN A 315 3.25 -19.52 -13.86
N ASP A 316 2.06 -20.07 -14.07
CA ASP A 316 1.86 -21.49 -13.81
C ASP A 316 2.68 -22.36 -14.73
N ASP A 317 3.03 -21.88 -15.91
CA ASP A 317 3.87 -22.70 -16.79
C ASP A 317 5.36 -22.50 -16.55
N GLY A 318 5.73 -21.75 -15.52
CA GLY A 318 7.14 -21.57 -15.19
C GLY A 318 7.82 -20.40 -15.85
N THR A 319 7.24 -19.83 -16.91
CA THR A 319 7.85 -18.65 -17.52
C THR A 319 7.58 -17.41 -16.65
N LEU A 320 8.25 -16.31 -16.93
CA LEU A 320 8.02 -15.09 -16.17
C LEU A 320 6.67 -14.47 -16.52
N TYR A 321 5.98 -14.00 -15.50
CA TYR A 321 4.84 -13.14 -15.76
C TYR A 321 5.33 -11.89 -16.52
N PRO A 322 4.65 -11.48 -17.60
CA PRO A 322 5.21 -10.42 -18.46
C PRO A 322 5.32 -9.06 -17.79
N ASP A 323 6.24 -8.27 -18.34
CA ASP A 323 6.37 -6.84 -17.94
C ASP A 323 5.32 -6.01 -18.68
N TYR A 324 4.08 -6.08 -18.23
CA TYR A 324 2.98 -5.39 -18.92
C TYR A 324 3.10 -3.88 -18.82
N ASP A 325 3.59 -3.36 -17.67
CA ASP A 325 3.52 -1.93 -17.44
C ASP A 325 4.86 -1.22 -17.47
N GLY A 326 5.98 -1.93 -17.70
CA GLY A 326 7.30 -1.31 -17.77
C GLY A 326 7.99 -1.18 -16.45
N PHE A 327 7.38 -1.58 -15.34
CA PHE A 327 7.94 -1.48 -14.02
C PHE A 327 8.40 -2.82 -13.44
N ARG A 328 8.24 -3.92 -14.17
CA ARG A 328 8.51 -5.23 -13.58
C ARG A 328 9.94 -5.31 -13.02
N ILE A 329 10.05 -5.79 -11.79
N ILE A 329 10.03 -5.78 -11.78
CA ILE A 329 11.30 -6.29 -11.26
CA ILE A 329 11.27 -6.28 -11.21
C ILE A 329 11.16 -7.78 -11.01
C ILE A 329 11.11 -7.79 -11.08
N VAL A 330 12.12 -8.54 -11.51
CA VAL A 330 12.18 -9.99 -11.28
C VAL A 330 13.38 -10.30 -10.40
N TYR A 331 13.31 -11.45 -9.75
CA TYR A 331 14.43 -11.96 -8.98
C TYR A 331 14.94 -13.25 -9.63
N PRO A 332 16.26 -13.41 -9.89
CA PRO A 332 17.33 -12.41 -9.71
C PRO A 332 17.35 -11.38 -10.84
N SER A 333 17.90 -10.19 -10.53
CA SER A 333 18.17 -9.19 -11.56
C SER A 333 19.05 -8.12 -10.95
N SER A 334 19.61 -7.25 -11.82
CA SER A 334 20.43 -6.17 -11.28
C SER A 334 19.61 -5.19 -10.44
N ALA A 335 18.35 -4.89 -10.82
CA ALA A 335 17.54 -4.00 -9.99
C ALA A 335 17.17 -4.69 -8.68
N ALA A 336 16.89 -5.99 -8.73
CA ALA A 336 16.57 -6.69 -7.50
C ALA A 336 17.74 -6.66 -6.54
N SER A 337 18.98 -6.73 -7.06
CA SER A 337 20.15 -6.68 -6.19
C SER A 337 20.33 -5.33 -5.53
N VAL A 338 20.05 -4.24 -6.27
CA VAL A 338 20.08 -2.92 -5.63
C VAL A 338 19.13 -2.90 -4.45
N ILE A 339 17.91 -3.37 -4.68
CA ILE A 339 16.90 -3.33 -3.64
C ILE A 339 17.25 -4.25 -2.50
N SER A 340 17.74 -5.47 -2.79
N SER A 340 17.71 -5.47 -2.81
CA SER A 340 17.99 -6.43 -1.72
CA SER A 340 18.05 -6.44 -1.78
C SER A 340 19.20 -6.05 -0.86
C SER A 340 19.13 -5.91 -0.86
N GLU A 341 20.17 -5.32 -1.44
CA GLU A 341 21.29 -4.83 -0.64
C GLU A 341 20.83 -3.76 0.33
N HIS A 342 19.93 -2.89 -0.13
CA HIS A 342 19.34 -1.91 0.75
C HIS A 342 18.47 -2.57 1.82
N ALA A 343 17.67 -3.59 1.42
CA ALA A 343 16.80 -4.28 2.37
C ALA A 343 17.62 -4.90 3.48
N GLU A 344 18.75 -5.50 3.14
CA GLU A 344 19.61 -6.08 4.17
C GLU A 344 20.07 -5.03 5.17
N ARG A 345 20.42 -3.82 4.70
CA ARG A 345 20.85 -2.79 5.65
C ARG A 345 19.70 -2.34 6.53
N MET A 346 18.48 -2.28 5.99
CA MET A 346 17.33 -1.90 6.83
C MET A 346 17.06 -2.97 7.87
N ASN A 347 17.19 -4.24 7.48
CA ASN A 347 16.97 -5.33 8.44
C ASN A 347 18.06 -5.35 9.51
N GLU A 348 19.29 -5.01 9.14
CA GLU A 348 20.37 -4.96 10.14
C GLU A 348 20.16 -3.82 11.12
N LYS A 349 19.67 -2.69 10.60
N LYS A 349 19.65 -2.69 10.60
CA LYS A 349 19.33 -1.55 11.46
CA LYS A 349 19.32 -1.55 11.45
C LYS A 349 18.26 -1.95 12.47
C LYS A 349 18.26 -1.94 12.47
N SER A 350 17.24 -2.66 12.00
CA SER A 350 16.20 -3.15 12.91
C SER A 350 16.76 -4.07 13.97
N ALA A 351 17.58 -5.06 13.57
CA ALA A 351 18.10 -6.02 14.53
C ALA A 351 18.99 -5.37 15.56
N ALA A 352 19.70 -4.29 15.19
CA ALA A 352 20.64 -3.59 16.07
C ALA A 352 19.95 -2.56 16.96
N SER A 353 18.70 -2.24 16.65
CA SER A 353 17.90 -1.33 17.43
C SER A 353 17.67 -1.89 18.83
#